data_3VD8
#
_entry.id   3VD8
#
_cell.length_a   61.599
_cell.length_b   91.934
_cell.length_c   100.281
_cell.angle_alpha   90.00
_cell.angle_beta   90.00
_cell.angle_gamma   90.00
#
_symmetry.space_group_name_H-M   'P 21 21 21'
#
loop_
_entity.id
_entity.type
_entity.pdbx_description
1 polymer 'Maltose-binding periplasmic protein, Interferon-inducible protein AIM2'
2 branched alpha-D-glucopyranose-(1-4)-alpha-D-glucopyranose-(1-4)-alpha-D-glucopyranose-(1-4)-alpha-D-glucopyranose
3 non-polymer 1,2-ETHANEDIOL
4 non-polymer 'POTASSIUM ION'
5 water water
#
_entity_poly.entity_id   1
_entity_poly.type   'polypeptide(L)'
_entity_poly.pdbx_seq_one_letter_code
;MKIEEGKLVIWINGDKGYNGLAEVGKKFEKDTGIKVTVEHPDKLEEKFPQVAATGDGPDIIFWAHDRFGGYAQSGLLAEI
TPAAAFQDKLYPFTWDAVRYNGKLIAYPIAVEALSLIYNKDLLPNPPKTWEEIPALDKELKAKGKSALMFNLQEPYFTWP
LIAADGGYAFKYAAGKYDIKDVGVDNAGAKAGLTFLVDLIKNKHMNADTDYSIAEAAFNKGETAMTINGPWAWSNIDTSA
VNYGVTVLPTFKGQPSKPFVGVLSAGINAASPNKELAKEFLENYLLTDEGLEAVNKDKPLGAVALKSYEEELAKDPRIAA
TMENAQKGEIMPNIPQMSAFWYAVRTAVINAASGRQTVDAALAAAQTNAVDMESKYKEILLLTGLDNITDEELDRFKFFL
SDEFNIATGKLHTANRIQVATLMIQNAGAVSAVMKTIRIFQKLNYMLLAKRLQEEKEKVDKQYKSVTKPKPLSQAEMSAA
ALEHHHHHH
;
_entity_poly.pdbx_strand_id   A
#
# COMPACT_ATOMS: atom_id res chain seq x y z
N LYS A 2 9.30 -11.72 24.08
CA LYS A 2 9.04 -10.44 24.73
C LYS A 2 7.54 -10.13 24.71
N ILE A 3 6.83 -10.74 23.76
CA ILE A 3 5.39 -10.57 23.68
C ILE A 3 4.68 -11.40 24.75
N GLU A 4 3.96 -10.72 25.64
CA GLU A 4 3.31 -11.37 26.77
C GLU A 4 2.21 -12.33 26.34
N GLU A 5 2.35 -13.60 26.72
CA GLU A 5 1.35 -14.61 26.43
C GLU A 5 0.12 -14.43 27.33
N GLY A 6 -1.05 -14.81 26.83
CA GLY A 6 -2.26 -14.77 27.62
C GLY A 6 -3.11 -13.53 27.37
N LYS A 7 -2.53 -12.57 26.63
CA LYS A 7 -3.26 -11.36 26.26
C LYS A 7 -3.13 -11.08 24.77
N LEU A 8 -3.97 -10.19 24.26
CA LEU A 8 -3.91 -9.81 22.86
C LEU A 8 -3.64 -8.32 22.70
N VAL A 9 -2.54 -8.00 22.02
CA VAL A 9 -2.20 -6.62 21.70
C VAL A 9 -2.49 -6.34 20.22
N ILE A 10 -3.29 -5.31 19.96
CA ILE A 10 -3.70 -5.00 18.60
C ILE A 10 -3.28 -3.60 18.18
N TRP A 11 -2.66 -3.48 17.01
CA TRP A 11 -2.34 -2.19 16.41
C TRP A 11 -3.27 -1.92 15.23
N ILE A 12 -3.94 -0.77 15.26
CA ILE A 12 -4.80 -0.35 14.16
C ILE A 12 -4.64 1.14 13.96
N ASN A 13 -4.76 1.62 12.72
CA ASN A 13 -4.55 3.04 12.43
C ASN A 13 -5.56 3.93 13.15
N GLY A 14 -5.13 5.12 13.53
CA GLY A 14 -5.93 6.03 14.32
C GLY A 14 -7.17 6.59 13.62
N ASP A 15 -7.28 6.38 12.32
CA ASP A 15 -8.42 6.89 11.57
C ASP A 15 -9.53 5.85 11.45
N LYS A 16 -9.28 4.66 12.00
CA LYS A 16 -10.27 3.59 11.99
C LYS A 16 -11.03 3.56 13.32
N GLY A 17 -12.08 2.74 13.37
CA GLY A 17 -12.90 2.64 14.56
C GLY A 17 -12.31 1.76 15.64
N TYR A 18 -11.22 2.23 16.26
CA TYR A 18 -10.52 1.42 17.26
C TYR A 18 -11.30 1.25 18.56
N ASN A 19 -12.17 2.21 18.89
CA ASN A 19 -13.03 2.09 20.06
C ASN A 19 -14.02 0.95 19.89
N GLY A 20 -14.60 0.86 18.69
CA GLY A 20 -15.52 -0.22 18.37
C GLY A 20 -14.80 -1.56 18.39
N LEU A 21 -13.54 -1.55 17.96
CA LEU A 21 -12.73 -2.76 17.99
C LEU A 21 -12.43 -3.17 19.43
N ALA A 22 -12.31 -2.18 20.30
CA ALA A 22 -12.10 -2.43 21.72
C ALA A 22 -13.33 -3.10 22.31
N GLU A 23 -14.51 -2.64 21.89
CA GLU A 23 -15.78 -3.22 22.34
C GLU A 23 -15.88 -4.69 21.95
N VAL A 24 -15.33 -5.02 20.77
CA VAL A 24 -15.26 -6.41 20.34
C VAL A 24 -14.28 -7.15 21.23
N GLY A 25 -13.20 -6.47 21.60
CA GLY A 25 -12.20 -7.04 22.50
C GLY A 25 -12.75 -7.27 23.89
N LYS A 26 -13.57 -6.34 24.36
CA LYS A 26 -14.21 -6.47 25.67
C LYS A 26 -15.12 -7.69 25.72
N LYS A 27 -15.96 -7.84 24.69
CA LYS A 27 -16.84 -9.00 24.58
C LYS A 27 -16.03 -10.28 24.51
N PHE A 28 -14.90 -10.22 23.81
CA PHE A 28 -14.00 -11.36 23.71
C PHE A 28 -13.40 -11.69 25.08
N GLU A 29 -13.22 -10.66 25.91
CA GLU A 29 -12.69 -10.88 27.25
C GLU A 29 -13.70 -11.55 28.16
N LYS A 30 -14.91 -11.01 28.22
CA LYS A 30 -15.95 -11.56 29.09
C LYS A 30 -16.40 -12.95 28.66
N ASP A 31 -15.89 -13.42 27.51
CA ASP A 31 -16.21 -14.74 27.00
C ASP A 31 -15.09 -15.75 27.21
N THR A 32 -13.87 -15.25 27.45
CA THR A 32 -12.73 -16.15 27.70
C THR A 32 -11.73 -15.61 28.72
N GLY A 33 -12.09 -14.51 29.38
CA GLY A 33 -11.26 -13.95 30.44
C GLY A 33 -9.95 -13.36 29.96
N ILE A 34 -9.77 -13.29 28.65
CA ILE A 34 -8.51 -12.85 28.07
C ILE A 34 -8.53 -11.39 27.66
N LYS A 35 -7.59 -10.62 28.19
CA LYS A 35 -7.51 -9.19 27.91
C LYS A 35 -7.13 -8.92 26.45
N VAL A 36 -7.76 -7.89 25.88
CA VAL A 36 -7.42 -7.45 24.53
C VAL A 36 -7.16 -5.96 24.53
N THR A 37 -5.94 -5.57 24.21
CA THR A 37 -5.57 -4.16 24.20
C THR A 37 -5.48 -3.62 22.78
N VAL A 38 -6.23 -2.55 22.50
CA VAL A 38 -6.22 -1.93 21.19
C VAL A 38 -5.45 -0.61 21.24
N GLU A 39 -4.38 -0.54 20.45
CA GLU A 39 -3.56 0.66 20.40
C GLU A 39 -3.54 1.22 18.99
N HIS A 40 -3.31 2.54 18.87
CA HIS A 40 -3.16 3.16 17.57
C HIS A 40 -1.92 4.05 17.52
N PRO A 41 -0.72 3.45 17.53
CA PRO A 41 0.52 4.23 17.50
C PRO A 41 0.68 4.91 16.14
N ASP A 42 1.31 6.08 16.14
CA ASP A 42 1.57 6.80 14.90
C ASP A 42 2.62 6.06 14.10
N LYS A 43 2.49 6.10 12.77
CA LYS A 43 3.43 5.44 11.87
C LYS A 43 3.59 3.96 12.17
N LEU A 44 2.50 3.29 12.52
CA LEU A 44 2.55 1.89 12.94
C LEU A 44 3.00 0.97 11.80
N GLU A 45 2.73 1.37 10.56
CA GLU A 45 3.10 0.56 9.42
C GLU A 45 4.60 0.60 9.17
N GLU A 46 5.27 1.56 9.80
CA GLU A 46 6.73 1.65 9.74
C GLU A 46 7.35 1.08 11.01
N LYS A 47 6.67 1.30 12.13
CA LYS A 47 7.14 0.76 13.41
C LYS A 47 7.11 -0.75 13.41
N PHE A 48 6.05 -1.33 12.87
CA PHE A 48 5.88 -2.78 12.87
C PHE A 48 7.05 -3.57 12.27
N PRO A 49 7.49 -3.22 11.05
CA PRO A 49 8.64 -3.97 10.52
C PRO A 49 9.93 -3.76 11.33
N GLN A 50 9.97 -2.72 12.15
CA GLN A 50 11.12 -2.47 13.01
C GLN A 50 11.06 -3.33 14.27
N VAL A 51 9.94 -3.27 14.97
CA VAL A 51 9.81 -3.92 16.27
C VAL A 51 9.47 -5.41 16.18
N ALA A 52 8.92 -5.84 15.06
CA ALA A 52 8.57 -7.24 14.89
C ALA A 52 9.74 -8.06 14.37
N ALA A 53 10.72 -7.37 13.79
CA ALA A 53 11.93 -8.03 13.33
C ALA A 53 12.76 -8.50 14.51
N THR A 54 12.58 -7.83 15.65
CA THR A 54 13.32 -8.16 16.86
C THR A 54 12.50 -9.06 17.78
N GLY A 55 11.40 -9.58 17.27
CA GLY A 55 10.58 -10.54 18.01
C GLY A 55 9.48 -9.93 18.85
N ASP A 56 9.37 -8.61 18.83
CA ASP A 56 8.37 -7.91 19.63
C ASP A 56 7.21 -7.42 18.77
N GLY A 57 6.51 -6.40 19.26
CA GLY A 57 5.39 -5.83 18.52
C GLY A 57 4.05 -6.33 19.02
N PRO A 58 2.98 -6.03 18.27
CA PRO A 58 1.63 -6.47 18.64
C PRO A 58 1.41 -7.91 18.20
N ASP A 59 0.34 -8.53 18.69
CA ASP A 59 -0.05 -9.87 18.22
C ASP A 59 -0.76 -9.75 16.89
N ILE A 60 -1.60 -8.73 16.77
CA ILE A 60 -2.37 -8.48 15.55
C ILE A 60 -2.10 -7.08 15.00
N ILE A 61 -1.82 -6.98 13.71
CA ILE A 61 -1.64 -5.68 13.08
C ILE A 61 -2.68 -5.45 11.98
N PHE A 62 -3.33 -4.28 12.03
CA PHE A 62 -4.32 -3.90 11.03
C PHE A 62 -3.75 -2.84 10.09
N TRP A 63 -3.85 -3.10 8.79
CA TRP A 63 -3.50 -2.13 7.76
C TRP A 63 -4.10 -2.56 6.44
N ALA A 64 -4.11 -1.67 5.47
CA ALA A 64 -4.50 -2.04 4.11
C ALA A 64 -3.50 -3.08 3.61
N HIS A 65 -3.96 -3.96 2.73
CA HIS A 65 -3.20 -5.14 2.31
C HIS A 65 -1.87 -4.84 1.63
N ASP A 66 -1.69 -3.61 1.16
CA ASP A 66 -0.52 -3.29 0.33
C ASP A 66 0.80 -3.41 1.09
N ARG A 67 0.77 -3.17 2.40
CA ARG A 67 1.97 -3.25 3.23
C ARG A 67 2.37 -4.69 3.55
N PHE A 68 1.42 -5.61 3.49
CA PHE A 68 1.59 -6.94 4.04
C PHE A 68 2.57 -7.85 3.29
N GLY A 69 2.72 -7.63 1.98
CA GLY A 69 3.67 -8.41 1.21
C GLY A 69 5.09 -8.15 1.65
N GLY A 70 5.41 -6.90 1.95
CA GLY A 70 6.71 -6.54 2.46
C GLY A 70 6.98 -7.23 3.79
N TYR A 71 5.98 -7.22 4.68
CA TYR A 71 6.09 -7.88 5.96
C TYR A 71 6.32 -9.38 5.79
N ALA A 72 5.58 -9.97 4.85
CA ALA A 72 5.63 -11.41 4.61
C ALA A 72 6.99 -11.85 4.06
N GLN A 73 7.57 -11.04 3.17
N GLN A 73 7.57 -11.03 3.19
CA GLN A 73 8.89 -11.33 2.63
CA GLN A 73 8.88 -11.31 2.62
C GLN A 73 9.93 -11.27 3.74
C GLN A 73 9.96 -11.22 3.70
N SER A 74 9.68 -10.43 4.73
CA SER A 74 10.59 -10.29 5.87
C SER A 74 10.31 -11.31 6.96
N GLY A 75 9.36 -12.21 6.69
CA GLY A 75 9.02 -13.27 7.62
C GLY A 75 8.38 -12.79 8.90
N LEU A 76 7.69 -11.66 8.82
CA LEU A 76 7.10 -11.04 10.00
C LEU A 76 5.68 -11.51 10.26
N LEU A 77 5.06 -12.15 9.27
CA LEU A 77 3.68 -12.58 9.38
C LEU A 77 3.54 -14.09 9.45
N ALA A 78 2.60 -14.55 10.27
CA ALA A 78 2.29 -15.97 10.35
C ALA A 78 1.29 -16.32 9.26
N GLU A 79 1.55 -17.42 8.56
CA GLU A 79 0.59 -17.90 7.57
C GLU A 79 -0.71 -18.26 8.26
N ILE A 80 -1.83 -17.78 7.72
CA ILE A 80 -3.13 -18.09 8.30
C ILE A 80 -3.81 -19.20 7.51
N THR A 81 -4.55 -20.05 8.22
CA THR A 81 -5.19 -21.20 7.61
C THR A 81 -6.62 -21.38 8.10
N PRO A 82 -7.56 -20.62 7.52
CA PRO A 82 -8.97 -20.80 7.84
C PRO A 82 -9.55 -22.00 7.09
N ALA A 83 -10.47 -22.70 7.73
CA ALA A 83 -11.17 -23.80 7.06
C ALA A 83 -11.94 -23.22 5.88
N ALA A 84 -12.08 -24.02 4.82
CA ALA A 84 -12.78 -23.58 3.61
C ALA A 84 -14.20 -23.12 3.93
N ALA A 85 -14.77 -23.69 4.98
CA ALA A 85 -16.08 -23.26 5.46
C ALA A 85 -16.05 -21.79 5.88
N PHE A 86 -14.95 -21.37 6.50
CA PHE A 86 -14.80 -19.96 6.86
C PHE A 86 -14.45 -19.10 5.66
N GLN A 87 -13.62 -19.64 4.76
CA GLN A 87 -13.22 -18.91 3.57
C GLN A 87 -14.42 -18.57 2.70
N ASP A 88 -15.42 -19.44 2.72
CA ASP A 88 -16.65 -19.21 1.96
C ASP A 88 -17.46 -18.04 2.51
N LYS A 89 -17.22 -17.68 3.76
CA LYS A 89 -17.95 -16.58 4.39
C LYS A 89 -17.56 -15.21 3.83
N LEU A 90 -16.39 -15.13 3.23
CA LEU A 90 -15.91 -13.85 2.69
C LEU A 90 -15.84 -13.88 1.17
N TYR A 91 -15.95 -12.70 0.55
CA TYR A 91 -15.82 -12.60 -0.89
C TYR A 91 -14.42 -13.02 -1.31
N PRO A 92 -14.34 -13.90 -2.34
CA PRO A 92 -13.08 -14.45 -2.86
C PRO A 92 -12.03 -13.37 -3.17
N PHE A 93 -12.46 -12.25 -3.71
CA PHE A 93 -11.51 -11.22 -4.12
C PHE A 93 -10.80 -10.57 -2.93
N THR A 94 -11.42 -10.64 -1.75
CA THR A 94 -10.77 -10.12 -0.55
C THR A 94 -9.66 -11.06 -0.09
N TRP A 95 -9.86 -12.36 -0.25
CA TRP A 95 -8.80 -13.33 0.03
C TRP A 95 -7.64 -13.15 -0.96
N ASP A 96 -7.97 -12.82 -2.20
CA ASP A 96 -6.97 -12.57 -3.22
C ASP A 96 -6.00 -11.47 -2.79
N ALA A 97 -6.54 -10.47 -2.10
CA ALA A 97 -5.77 -9.30 -1.70
C ALA A 97 -4.73 -9.64 -0.63
N VAL A 98 -5.03 -10.63 0.20
CA VAL A 98 -4.14 -10.99 1.30
C VAL A 98 -3.36 -12.27 1.00
N ARG A 99 -3.23 -12.60 -0.28
CA ARG A 99 -2.45 -13.76 -0.68
C ARG A 99 -1.08 -13.32 -1.18
N TYR A 100 -0.03 -13.90 -0.63
CA TYR A 100 1.32 -13.57 -1.05
C TYR A 100 2.13 -14.85 -1.28
N ASN A 101 2.64 -14.99 -2.50
CA ASN A 101 3.36 -16.19 -2.92
C ASN A 101 2.58 -17.48 -2.66
N GLY A 102 1.27 -17.42 -2.91
CA GLY A 102 0.41 -18.58 -2.76
C GLY A 102 -0.15 -18.79 -1.36
N LYS A 103 0.37 -18.05 -0.39
CA LYS A 103 -0.08 -18.20 0.99
C LYS A 103 -0.91 -17.02 1.45
N LEU A 104 -1.91 -17.30 2.29
CA LEU A 104 -2.70 -16.26 2.93
C LEU A 104 -1.93 -15.71 4.12
N ILE A 105 -1.70 -14.40 4.13
CA ILE A 105 -0.86 -13.79 5.15
C ILE A 105 -1.62 -12.87 6.10
N ALA A 106 -2.95 -12.79 5.91
CA ALA A 106 -3.79 -11.97 6.77
C ALA A 106 -5.27 -12.27 6.54
N TYR A 107 -6.11 -11.81 7.46
CA TYR A 107 -7.55 -11.89 7.29
C TYR A 107 -8.05 -10.58 6.69
N PRO A 108 -8.75 -10.65 5.56
CA PRO A 108 -9.34 -9.42 5.00
C PRO A 108 -10.54 -9.00 5.82
N ILE A 109 -10.68 -7.69 6.05
CA ILE A 109 -11.77 -7.17 6.87
C ILE A 109 -12.78 -6.40 6.04
N ALA A 110 -12.29 -5.43 5.28
CA ALA A 110 -13.18 -4.54 4.53
C ALA A 110 -12.49 -3.93 3.32
N VAL A 111 -13.28 -3.58 2.33
CA VAL A 111 -12.78 -2.98 1.09
C VAL A 111 -12.98 -1.47 1.10
N GLU A 112 -11.89 -0.73 0.92
CA GLU A 112 -11.94 0.73 0.96
C GLU A 112 -11.61 1.33 -0.40
N ALA A 113 -12.37 2.36 -0.77
CA ALA A 113 -12.05 3.17 -1.93
C ALA A 113 -12.44 4.61 -1.64
N LEU A 114 -11.66 5.55 -2.19
CA LEU A 114 -11.98 6.96 -2.08
C LEU A 114 -13.20 7.30 -2.92
N SER A 115 -14.01 8.24 -2.42
CA SER A 115 -15.13 8.76 -3.18
C SER A 115 -15.15 10.28 -3.12
N LEU A 116 -15.93 10.90 -3.98
CA LEU A 116 -16.16 12.33 -3.90
C LEU A 116 -17.23 12.59 -2.86
N ILE A 117 -16.88 13.36 -1.83
CA ILE A 117 -17.84 13.74 -0.81
C ILE A 117 -18.19 15.21 -1.02
N TYR A 118 -19.48 15.52 -1.10
CA TYR A 118 -19.89 16.89 -1.37
C TYR A 118 -20.94 17.40 -0.39
N ASN A 119 -20.94 18.72 -0.19
CA ASN A 119 -21.92 19.37 0.67
C ASN A 119 -23.19 19.64 -0.13
N LYS A 120 -24.27 18.98 0.25
CA LYS A 120 -25.53 19.08 -0.48
C LYS A 120 -26.12 20.50 -0.46
N ASP A 121 -25.86 21.24 0.62
CA ASP A 121 -26.39 22.59 0.75
C ASP A 121 -25.60 23.60 -0.08
N LEU A 122 -24.33 23.31 -0.33
CA LEU A 122 -23.48 24.20 -1.11
C LEU A 122 -23.51 23.84 -2.59
N LEU A 123 -23.81 22.59 -2.88
CA LEU A 123 -23.64 22.06 -4.23
C LEU A 123 -24.58 20.90 -4.49
N PRO A 124 -25.83 21.20 -4.90
CA PRO A 124 -26.86 20.18 -5.15
C PRO A 124 -26.44 19.20 -6.24
N ASN A 125 -25.67 19.68 -7.21
CA ASN A 125 -25.16 18.84 -8.28
C ASN A 125 -23.64 18.87 -8.35
N PRO A 126 -22.98 17.83 -7.80
CA PRO A 126 -21.53 17.72 -7.86
C PRO A 126 -21.05 17.60 -9.29
N PRO A 127 -19.84 18.10 -9.59
CA PRO A 127 -19.30 18.09 -10.95
C PRO A 127 -18.95 16.68 -11.40
N LYS A 128 -19.13 16.41 -12.69
CA LYS A 128 -18.85 15.10 -13.25
C LYS A 128 -17.40 15.00 -13.70
N THR A 129 -16.79 16.14 -13.99
CA THR A 129 -15.42 16.16 -14.50
C THR A 129 -14.51 17.00 -13.61
N TRP A 130 -13.22 16.70 -13.65
CA TRP A 130 -12.22 17.51 -12.95
C TRP A 130 -12.12 18.87 -13.62
N GLU A 131 -12.38 18.90 -14.93
CA GLU A 131 -12.23 20.11 -15.72
C GLU A 131 -13.22 21.22 -15.32
N GLU A 132 -14.36 20.84 -14.76
CA GLU A 132 -15.37 21.81 -14.31
C GLU A 132 -14.95 22.56 -13.05
N ILE A 133 -14.01 21.98 -12.31
CA ILE A 133 -13.68 22.46 -10.97
C ILE A 133 -13.15 23.90 -10.85
N PRO A 134 -12.25 24.33 -11.75
CA PRO A 134 -11.83 25.74 -11.71
C PRO A 134 -12.99 26.74 -11.80
N ALA A 135 -13.92 26.52 -12.72
CA ALA A 135 -15.06 27.40 -12.88
C ALA A 135 -15.97 27.34 -11.65
N LEU A 136 -16.15 26.16 -11.09
CA LEU A 136 -16.95 25.99 -9.89
C LEU A 136 -16.31 26.70 -8.70
N ASP A 137 -14.99 26.63 -8.60
CA ASP A 137 -14.27 27.32 -7.54
C ASP A 137 -14.47 28.82 -7.64
N LYS A 138 -14.34 29.35 -8.86
CA LYS A 138 -14.53 30.77 -9.11
C LYS A 138 -15.89 31.25 -8.63
N GLU A 139 -16.92 30.44 -8.88
CA GLU A 139 -18.27 30.74 -8.42
C GLU A 139 -18.38 30.72 -6.90
N LEU A 140 -17.87 29.66 -6.29
CA LEU A 140 -17.97 29.48 -4.85
C LEU A 140 -17.12 30.48 -4.06
N LYS A 141 -15.99 30.89 -4.63
CA LYS A 141 -15.13 31.89 -4.01
C LYS A 141 -15.88 33.21 -3.86
N ALA A 142 -16.77 33.50 -4.80
CA ALA A 142 -17.60 34.69 -4.74
C ALA A 142 -18.55 34.63 -3.54
N LYS A 143 -18.85 33.41 -3.11
CA LYS A 143 -19.70 33.20 -1.95
C LYS A 143 -18.86 32.96 -0.69
N GLY A 144 -17.55 33.15 -0.81
CA GLY A 144 -16.65 32.99 0.32
C GLY A 144 -16.33 31.54 0.65
N LYS A 145 -16.54 30.64 -0.32
CA LYS A 145 -16.26 29.23 -0.14
C LYS A 145 -15.24 28.74 -1.15
N SER A 146 -14.78 27.51 -1.00
CA SER A 146 -13.93 26.89 -2.01
C SER A 146 -14.61 25.65 -2.56
N ALA A 147 -14.22 25.25 -3.76
CA ALA A 147 -14.84 24.09 -4.40
C ALA A 147 -14.37 22.77 -3.79
N LEU A 148 -13.06 22.62 -3.65
CA LEU A 148 -12.49 21.33 -3.30
C LEU A 148 -11.26 21.43 -2.41
N MET A 149 -11.27 20.67 -1.32
CA MET A 149 -10.09 20.55 -0.46
C MET A 149 -9.89 19.10 -0.05
N PHE A 150 -8.71 18.56 -0.31
CA PHE A 150 -8.38 17.21 0.13
C PHE A 150 -6.89 17.07 0.43
N ASN A 151 -6.55 16.00 1.13
CA ASN A 151 -5.19 15.77 1.61
C ASN A 151 -4.16 15.62 0.49
N LEU A 152 -3.32 16.63 0.33
CA LEU A 152 -2.30 16.62 -0.72
C LEU A 152 -0.96 16.09 -0.21
N GLN A 153 -0.90 15.78 1.08
CA GLN A 153 0.34 15.32 1.68
C GLN A 153 0.54 13.81 1.55
N GLU A 154 -0.55 13.09 1.27
CA GLU A 154 -0.50 11.64 1.08
C GLU A 154 -0.92 11.27 -0.33
N PRO A 155 -0.03 10.56 -1.05
CA PRO A 155 -0.23 10.28 -2.47
C PRO A 155 -1.46 9.42 -2.76
N TYR A 156 -1.96 8.74 -1.74
CA TYR A 156 -3.17 7.93 -1.85
C TYR A 156 -4.36 8.74 -2.38
N PHE A 157 -4.43 10.00 -1.96
CA PHE A 157 -5.57 10.86 -2.30
C PHE A 157 -5.45 11.50 -3.68
N THR A 158 -4.22 11.70 -4.15
CA THR A 158 -4.01 12.29 -5.47
C THR A 158 -3.93 11.25 -6.56
N TRP A 159 -3.64 10.01 -6.17
CA TRP A 159 -3.52 8.91 -7.13
C TRP A 159 -4.67 8.72 -8.14
N PRO A 160 -5.94 8.79 -7.69
CA PRO A 160 -7.04 8.59 -8.65
C PRO A 160 -6.96 9.51 -9.85
N LEU A 161 -6.46 10.72 -9.66
CA LEU A 161 -6.33 11.69 -10.73
C LEU A 161 -5.10 11.40 -11.60
N ILE A 162 -3.99 11.05 -10.94
CA ILE A 162 -2.77 10.67 -11.66
C ILE A 162 -3.00 9.43 -12.52
N ALA A 163 -3.79 8.49 -12.01
CA ALA A 163 -4.05 7.23 -12.69
C ALA A 163 -5.16 7.31 -13.73
N ALA A 164 -5.95 8.39 -13.67
CA ALA A 164 -7.12 8.53 -14.54
C ALA A 164 -6.80 8.42 -16.03
N ASP A 165 -5.77 9.13 -16.46
CA ASP A 165 -5.46 9.22 -17.89
C ASP A 165 -4.29 8.32 -18.31
N GLY A 166 -3.90 7.40 -17.45
CA GLY A 166 -2.90 6.41 -17.85
C GLY A 166 -1.79 6.11 -16.84
N GLY A 167 -1.75 6.85 -15.74
CA GLY A 167 -0.76 6.58 -14.71
C GLY A 167 -1.00 5.22 -14.09
N TYR A 168 0.08 4.53 -13.72
CA TYR A 168 -0.02 3.29 -12.98
C TYR A 168 1.22 3.06 -12.12
N ALA A 169 1.10 2.15 -11.15
CA ALA A 169 2.23 1.83 -10.28
C ALA A 169 3.16 0.85 -10.97
N PHE A 170 2.83 -0.43 -10.88
CA PHE A 170 3.59 -1.47 -11.56
C PHE A 170 2.73 -2.19 -12.58
N LYS A 171 3.27 -2.41 -13.77
CA LYS A 171 2.54 -3.10 -14.82
C LYS A 171 2.27 -4.54 -14.41
N TYR A 172 1.00 -4.94 -14.45
CA TYR A 172 0.64 -6.34 -14.22
C TYR A 172 0.59 -7.03 -15.58
N ALA A 173 1.40 -8.08 -15.73
CA ALA A 173 1.47 -8.81 -16.99
C ALA A 173 1.83 -10.26 -16.75
N ALA A 174 1.09 -11.16 -17.40
CA ALA A 174 1.32 -12.60 -17.30
C ALA A 174 1.30 -13.10 -15.86
N GLY A 175 0.37 -12.57 -15.07
CA GLY A 175 0.16 -13.05 -13.71
C GLY A 175 1.11 -12.50 -12.67
N LYS A 176 1.83 -11.44 -13.00
CA LYS A 176 2.75 -10.84 -12.04
C LYS A 176 3.05 -9.36 -12.30
N TYR A 177 3.45 -8.66 -11.25
CA TYR A 177 3.83 -7.26 -11.35
C TYR A 177 5.27 -7.13 -11.81
N ASP A 178 5.47 -6.37 -12.87
CA ASP A 178 6.80 -6.13 -13.44
C ASP A 178 7.40 -4.89 -12.79
N ILE A 179 8.38 -5.08 -11.91
CA ILE A 179 8.99 -3.96 -11.21
C ILE A 179 9.97 -3.18 -12.08
N LYS A 180 10.16 -3.63 -13.32
CA LYS A 180 10.95 -2.88 -14.29
C LYS A 180 10.05 -2.00 -15.14
N ASP A 181 8.74 -2.09 -14.89
CA ASP A 181 7.76 -1.33 -15.66
C ASP A 181 6.89 -0.48 -14.73
N VAL A 182 7.40 0.69 -14.37
CA VAL A 182 6.68 1.64 -13.52
C VAL A 182 6.05 2.72 -14.39
N GLY A 183 4.81 3.10 -14.07
CA GLY A 183 4.09 4.04 -14.90
C GLY A 183 3.76 5.39 -14.27
N VAL A 184 4.64 5.87 -13.40
CA VAL A 184 4.40 7.15 -12.73
C VAL A 184 4.93 8.32 -13.54
N ASP A 185 5.58 8.02 -14.67
CA ASP A 185 6.20 9.07 -15.48
C ASP A 185 5.77 9.00 -16.95
N ASN A 186 4.58 8.45 -17.20
CA ASN A 186 4.05 8.46 -18.56
C ASN A 186 3.19 9.69 -18.82
N ALA A 187 2.66 9.80 -20.02
CA ALA A 187 1.88 10.98 -20.42
C ALA A 187 0.62 11.14 -19.57
N GLY A 188 0.04 10.01 -19.17
CA GLY A 188 -1.16 10.03 -18.35
C GLY A 188 -0.89 10.57 -16.97
N ALA A 189 0.21 10.13 -16.37
CA ALA A 189 0.60 10.59 -15.04
C ALA A 189 0.94 12.08 -15.04
N LYS A 190 1.70 12.49 -16.05
CA LYS A 190 2.08 13.89 -16.21
C LYS A 190 0.86 14.79 -16.35
N ALA A 191 -0.10 14.34 -17.14
CA ALA A 191 -1.33 15.09 -17.37
C ALA A 191 -2.12 15.28 -16.08
N GLY A 192 -2.24 14.20 -15.31
CA GLY A 192 -2.97 14.23 -14.06
C GLY A 192 -2.35 15.18 -13.05
N LEU A 193 -1.04 15.04 -12.84
CA LEU A 193 -0.34 15.85 -11.85
C LEU A 193 -0.25 17.32 -12.29
N THR A 194 -0.11 17.55 -13.59
CA THR A 194 -0.08 18.92 -14.11
C THR A 194 -1.39 19.63 -13.83
N PHE A 195 -2.49 18.92 -13.97
CA PHE A 195 -3.81 19.49 -13.70
C PHE A 195 -3.92 19.90 -12.23
N LEU A 196 -3.46 19.04 -11.34
CA LEU A 196 -3.47 19.33 -9.92
C LEU A 196 -2.62 20.55 -9.60
N VAL A 197 -1.42 20.58 -10.19
CA VAL A 197 -0.50 21.70 -10.01
C VAL A 197 -1.09 23.00 -10.57
N ASP A 198 -1.82 22.90 -11.68
CA ASP A 198 -2.48 24.06 -12.26
C ASP A 198 -3.59 24.59 -11.35
N LEU A 199 -4.29 23.70 -10.67
CA LEU A 199 -5.32 24.10 -9.71
C LEU A 199 -4.70 24.97 -8.62
N ILE A 200 -3.47 24.64 -8.25
CA ILE A 200 -2.75 25.39 -7.22
C ILE A 200 -2.24 26.71 -7.75
N LYS A 201 -1.66 26.69 -8.94
CA LYS A 201 -1.15 27.91 -9.58
C LYS A 201 -2.28 28.91 -9.82
N ASN A 202 -3.46 28.39 -10.17
CA ASN A 202 -4.61 29.23 -10.45
C ASN A 202 -5.47 29.48 -9.22
N LYS A 203 -4.88 29.22 -8.04
CA LYS A 203 -5.48 29.59 -6.76
C LYS A 203 -6.82 28.94 -6.50
N HIS A 204 -6.94 27.67 -6.86
CA HIS A 204 -8.13 26.90 -6.57
C HIS A 204 -7.87 25.87 -5.48
N MET A 205 -6.58 25.74 -5.12
N MET A 205 -6.59 25.67 -5.17
CA MET A 205 -6.14 24.74 -4.17
CA MET A 205 -6.19 24.79 -4.07
C MET A 205 -4.81 25.15 -3.53
C MET A 205 -4.89 25.28 -3.46
N ASN A 206 -4.58 24.76 -2.28
CA ASN A 206 -3.35 25.09 -1.58
C ASN A 206 -2.45 23.87 -1.44
N ALA A 207 -1.16 24.04 -1.71
CA ALA A 207 -0.21 22.93 -1.67
C ALA A 207 -0.07 22.30 -0.29
N ASP A 208 -0.31 23.09 0.75
CA ASP A 208 -0.07 22.62 2.12
C ASP A 208 -1.27 21.94 2.77
N THR A 209 -2.34 21.75 2.01
CA THR A 209 -3.55 21.11 2.53
C THR A 209 -3.28 19.66 2.93
N ASP A 210 -3.52 19.35 4.21
CA ASP A 210 -3.36 17.98 4.70
C ASP A 210 -4.70 17.36 5.12
N TYR A 211 -4.65 16.21 5.77
CA TYR A 211 -5.87 15.51 6.16
C TYR A 211 -6.74 16.32 7.11
N SER A 212 -6.15 16.80 8.21
CA SER A 212 -6.90 17.52 9.23
C SER A 212 -7.46 18.84 8.70
N ILE A 213 -6.67 19.55 7.90
CA ILE A 213 -7.12 20.80 7.32
C ILE A 213 -8.33 20.60 6.42
N ALA A 214 -8.25 19.58 5.56
CA ALA A 214 -9.33 19.29 4.62
C ALA A 214 -10.58 18.79 5.34
N GLU A 215 -10.40 17.94 6.34
CA GLU A 215 -11.53 17.41 7.10
C GLU A 215 -12.27 18.52 7.82
N ALA A 216 -11.52 19.38 8.50
CA ALA A 216 -12.10 20.49 9.25
C ALA A 216 -12.86 21.43 8.32
N ALA A 217 -12.23 21.79 7.21
CA ALA A 217 -12.83 22.70 6.24
C ALA A 217 -14.16 22.19 5.69
N PHE A 218 -14.21 20.90 5.36
CA PHE A 218 -15.45 20.33 4.86
C PHE A 218 -16.52 20.21 5.94
N ASN A 219 -16.11 19.73 7.11
CA ASN A 219 -17.04 19.50 8.20
C ASN A 219 -17.54 20.78 8.84
N LYS A 220 -16.92 21.91 8.49
CA LYS A 220 -17.37 23.22 8.95
C LYS A 220 -18.14 23.96 7.86
N GLY A 221 -18.24 23.34 6.68
CA GLY A 221 -19.00 23.92 5.60
C GLY A 221 -18.24 25.00 4.85
N GLU A 222 -16.92 24.94 4.90
CA GLU A 222 -16.09 25.96 4.27
C GLU A 222 -15.76 25.59 2.83
N THR A 223 -15.84 24.30 2.50
CA THR A 223 -15.56 23.84 1.15
C THR A 223 -16.67 22.91 0.66
N ALA A 224 -16.99 23.01 -0.62
CA ALA A 224 -18.12 22.27 -1.20
C ALA A 224 -17.86 20.79 -1.37
N MET A 225 -16.58 20.43 -1.50
CA MET A 225 -16.22 19.04 -1.77
C MET A 225 -14.94 18.62 -1.09
N THR A 226 -14.84 17.34 -0.77
CA THR A 226 -13.59 16.75 -0.34
C THR A 226 -13.47 15.35 -0.93
N ILE A 227 -12.28 14.77 -0.82
CA ILE A 227 -12.05 13.40 -1.26
C ILE A 227 -11.59 12.57 -0.07
N ASN A 228 -12.35 11.54 0.26
CA ASN A 228 -12.04 10.75 1.45
C ASN A 228 -12.71 9.37 1.41
N GLY A 229 -12.32 8.51 2.34
CA GLY A 229 -12.87 7.17 2.43
C GLY A 229 -13.96 7.05 3.47
N PRO A 230 -14.57 5.86 3.59
CA PRO A 230 -15.70 5.59 4.49
C PRO A 230 -15.41 5.92 5.95
N TRP A 231 -14.15 5.77 6.36
CA TRP A 231 -13.75 6.04 7.74
C TRP A 231 -14.04 7.48 8.17
N ALA A 232 -14.29 8.34 7.19
CA ALA A 232 -14.48 9.77 7.44
C ALA A 232 -15.95 10.16 7.63
N TRP A 233 -16.86 9.26 7.28
CA TRP A 233 -18.29 9.58 7.28
C TRP A 233 -18.83 9.87 8.69
N SER A 234 -18.26 9.21 9.71
CA SER A 234 -18.71 9.39 11.08
C SER A 234 -18.60 10.84 11.54
N ASN A 235 -17.43 11.44 11.33
CA ASN A 235 -17.21 12.83 11.71
C ASN A 235 -18.12 13.79 10.96
N ILE A 236 -18.42 13.47 9.70
CA ILE A 236 -19.32 14.31 8.93
C ILE A 236 -20.77 14.18 9.44
N ASP A 237 -21.11 12.97 9.90
CA ASP A 237 -22.42 12.75 10.51
C ASP A 237 -22.58 13.59 11.76
N THR A 238 -21.51 13.71 12.53
CA THR A 238 -21.52 14.49 13.77
C THR A 238 -21.62 15.99 13.48
N SER A 239 -21.07 16.41 12.34
CA SER A 239 -21.07 17.82 11.97
C SER A 239 -22.44 18.29 11.51
N ALA A 240 -22.55 19.57 11.16
CA ALA A 240 -23.80 20.17 10.72
C ALA A 240 -23.98 20.08 9.21
N VAL A 241 -23.03 19.44 8.54
CA VAL A 241 -23.03 19.35 7.09
C VAL A 241 -23.89 18.21 6.56
N ASN A 242 -24.81 18.53 5.67
CA ASN A 242 -25.55 17.52 4.91
C ASN A 242 -24.78 17.13 3.67
N TYR A 243 -24.38 15.87 3.58
CA TYR A 243 -23.44 15.46 2.55
C TYR A 243 -23.92 14.29 1.70
N GLY A 244 -23.39 14.23 0.49
CA GLY A 244 -23.57 13.09 -0.38
C GLY A 244 -22.23 12.45 -0.68
N VAL A 245 -22.25 11.16 -0.98
CA VAL A 245 -21.06 10.45 -1.39
C VAL A 245 -21.28 9.95 -2.82
N THR A 246 -20.38 10.29 -3.73
CA THR A 246 -20.61 9.99 -5.14
C THR A 246 -19.35 9.58 -5.89
N VAL A 247 -19.52 9.29 -7.17
CA VAL A 247 -18.43 8.90 -8.04
C VAL A 247 -17.43 10.05 -8.21
N LEU A 248 -16.15 9.71 -8.22
CA LEU A 248 -15.09 10.70 -8.45
C LEU A 248 -15.25 11.33 -9.83
N PRO A 249 -14.83 12.58 -9.98
CA PRO A 249 -14.95 13.25 -11.27
C PRO A 249 -14.08 12.56 -12.32
N THR A 250 -14.49 12.63 -13.58
CA THR A 250 -13.68 12.11 -14.67
C THR A 250 -12.57 13.10 -15.03
N PHE A 251 -11.49 12.59 -15.61
CA PHE A 251 -10.42 13.44 -16.12
C PHE A 251 -10.13 13.04 -17.55
N LYS A 252 -10.20 14.01 -18.46
CA LYS A 252 -10.04 13.76 -19.90
C LYS A 252 -11.00 12.67 -20.38
N GLY A 253 -12.21 12.66 -19.81
CA GLY A 253 -13.22 11.70 -20.18
C GLY A 253 -13.08 10.35 -19.49
N GLN A 254 -11.99 10.18 -18.76
CA GLN A 254 -11.70 8.90 -18.12
C GLN A 254 -12.04 8.95 -16.63
N PRO A 255 -12.62 7.86 -16.11
CA PRO A 255 -12.91 7.78 -14.67
C PRO A 255 -11.65 7.93 -13.83
N SER A 256 -11.77 8.57 -12.67
CA SER A 256 -10.67 8.59 -11.71
C SER A 256 -10.50 7.15 -11.22
N LYS A 257 -9.26 6.72 -11.03
CA LYS A 257 -8.97 5.34 -10.67
C LYS A 257 -8.31 5.26 -9.31
N PRO A 258 -9.12 5.19 -8.25
CA PRO A 258 -8.54 5.12 -6.92
C PRO A 258 -7.87 3.77 -6.71
N PHE A 259 -6.83 3.74 -5.87
CA PHE A 259 -6.24 2.48 -5.47
C PHE A 259 -7.17 1.84 -4.44
N VAL A 260 -7.56 0.60 -4.69
CA VAL A 260 -8.48 -0.09 -3.79
C VAL A 260 -7.72 -0.80 -2.68
N GLY A 261 -8.06 -0.48 -1.44
CA GLY A 261 -7.40 -1.08 -0.29
C GLY A 261 -8.30 -2.04 0.44
N VAL A 262 -7.74 -3.17 0.86
CA VAL A 262 -8.47 -4.10 1.70
C VAL A 262 -7.87 -4.05 3.09
N LEU A 263 -8.63 -3.46 4.03
CA LEU A 263 -8.22 -3.44 5.42
C LEU A 263 -8.06 -4.90 5.88
N SER A 264 -6.87 -5.22 6.38
CA SER A 264 -6.55 -6.60 6.70
C SER A 264 -5.92 -6.76 8.07
N ALA A 265 -6.12 -7.91 8.69
CA ALA A 265 -5.55 -8.19 10.00
C ALA A 265 -4.51 -9.29 9.91
N GLY A 266 -3.24 -8.91 10.10
CA GLY A 266 -2.15 -9.86 10.06
C GLY A 266 -1.74 -10.27 11.46
N ILE A 267 -1.22 -11.49 11.59
CA ILE A 267 -0.78 -11.98 12.89
C ILE A 267 0.74 -12.06 12.95
N ASN A 268 1.32 -11.47 14.00
CA ASN A 268 2.76 -11.46 14.20
C ASN A 268 3.35 -12.87 14.24
N ALA A 269 4.40 -13.08 13.45
CA ALA A 269 5.03 -14.40 13.37
C ALA A 269 5.76 -14.75 14.66
N ALA A 270 6.04 -13.73 15.48
CA ALA A 270 6.73 -13.94 16.75
C ALA A 270 5.75 -13.84 17.91
N SER A 271 4.48 -14.13 17.65
CA SER A 271 3.46 -14.08 18.68
C SER A 271 3.20 -15.46 19.29
N PRO A 272 3.04 -15.51 20.62
CA PRO A 272 2.70 -16.74 21.34
C PRO A 272 1.19 -16.87 21.52
N ASN A 273 0.44 -15.90 20.96
CA ASN A 273 -1.01 -15.89 21.07
C ASN A 273 -1.69 -16.03 19.72
N LYS A 274 -1.01 -16.68 18.77
CA LYS A 274 -1.51 -16.83 17.42
C LYS A 274 -2.88 -17.51 17.38
N GLU A 275 -3.01 -18.58 18.15
CA GLU A 275 -4.21 -19.35 18.15
C GLU A 275 -5.32 -18.59 18.77
N LEU A 276 -5.01 -17.71 19.70
CA LEU A 276 -5.98 -16.79 20.28
C LEU A 276 -6.35 -15.70 19.29
N ALA A 277 -5.35 -15.21 18.57
CA ALA A 277 -5.54 -14.18 17.57
C ALA A 277 -6.49 -14.66 16.47
N LYS A 278 -6.26 -15.89 16.00
CA LYS A 278 -7.12 -16.48 14.98
C LYS A 278 -8.55 -16.63 15.48
N GLU A 279 -8.70 -17.02 16.74
CA GLU A 279 -10.00 -17.21 17.33
C GLU A 279 -10.75 -15.89 17.44
N PHE A 280 -10.02 -14.84 17.82
CA PHE A 280 -10.61 -13.51 17.94
C PHE A 280 -11.11 -12.99 16.60
N LEU A 281 -10.28 -13.13 15.57
CA LEU A 281 -10.59 -12.62 14.25
C LEU A 281 -11.73 -13.41 13.58
N GLU A 282 -11.60 -14.73 13.57
CA GLU A 282 -12.58 -15.58 12.89
C GLU A 282 -13.94 -15.62 13.57
N ASN A 283 -13.94 -15.64 14.90
CA ASN A 283 -15.18 -15.92 15.64
C ASN A 283 -15.79 -14.72 16.36
N TYR A 284 -15.04 -13.65 16.52
CA TYR A 284 -15.56 -12.47 17.18
C TYR A 284 -15.60 -11.22 16.29
N LEU A 285 -14.49 -10.94 15.61
CA LEU A 285 -14.46 -9.79 14.71
C LEU A 285 -15.23 -10.07 13.42
N LEU A 286 -14.80 -11.07 12.67
CA LEU A 286 -15.42 -11.38 11.38
C LEU A 286 -16.81 -12.03 11.53
N THR A 287 -17.67 -11.35 12.28
CA THR A 287 -19.06 -11.75 12.44
C THR A 287 -19.91 -10.52 12.20
N ASP A 288 -21.21 -10.73 11.98
CA ASP A 288 -22.14 -9.62 11.81
C ASP A 288 -22.09 -8.64 12.97
N GLU A 289 -22.04 -9.18 14.19
CA GLU A 289 -22.06 -8.38 15.40
C GLU A 289 -20.73 -7.66 15.62
N GLY A 290 -19.63 -8.36 15.37
CA GLY A 290 -18.31 -7.79 15.55
C GLY A 290 -18.04 -6.64 14.59
N LEU A 291 -18.28 -6.88 13.31
CA LEU A 291 -18.08 -5.86 12.29
C LEU A 291 -18.98 -4.65 12.51
N GLU A 292 -20.22 -4.91 12.94
CA GLU A 292 -21.16 -3.83 13.21
C GLU A 292 -20.64 -2.93 14.31
N ALA A 293 -19.99 -3.52 15.31
CA ALA A 293 -19.41 -2.76 16.41
C ALA A 293 -18.35 -1.79 15.91
N VAL A 294 -17.44 -2.29 15.07
CA VAL A 294 -16.40 -1.46 14.49
C VAL A 294 -17.01 -0.42 13.55
N ASN A 295 -17.95 -0.87 12.73
CA ASN A 295 -18.55 -0.02 11.70
C ASN A 295 -19.34 1.16 12.27
N LYS A 296 -19.90 0.98 13.46
CA LYS A 296 -20.68 2.04 14.09
C LYS A 296 -19.78 3.12 14.70
N ASP A 297 -18.51 2.78 14.93
CA ASP A 297 -17.54 3.75 15.39
C ASP A 297 -17.05 4.57 14.20
N LYS A 298 -16.40 3.88 13.26
CA LYS A 298 -15.98 4.48 12.00
C LYS A 298 -16.27 3.48 10.89
N PRO A 299 -17.07 3.87 9.89
CA PRO A 299 -17.47 2.98 8.79
C PRO A 299 -16.28 2.29 8.14
N LEU A 300 -16.44 1.00 7.85
CA LEU A 300 -15.38 0.19 7.28
C LEU A 300 -15.38 0.22 5.76
N GLY A 301 -16.51 0.60 5.19
CA GLY A 301 -16.70 0.52 3.75
C GLY A 301 -17.44 -0.76 3.40
N ALA A 302 -17.10 -1.37 2.27
CA ALA A 302 -17.71 -2.63 1.89
C ALA A 302 -16.98 -3.81 2.55
N VAL A 303 -17.59 -4.35 3.59
CA VAL A 303 -16.94 -5.38 4.40
C VAL A 303 -16.77 -6.71 3.66
N ALA A 304 -15.76 -7.48 4.05
CA ALA A 304 -15.44 -8.74 3.40
C ALA A 304 -16.46 -9.83 3.71
N LEU A 305 -17.15 -9.70 4.85
CA LEU A 305 -18.13 -10.67 5.27
C LEU A 305 -19.41 -10.58 4.45
N LYS A 306 -19.71 -11.62 3.67
CA LYS A 306 -20.84 -11.63 2.76
C LYS A 306 -22.17 -11.30 3.43
N SER A 307 -22.42 -11.91 4.58
CA SER A 307 -23.71 -11.75 5.26
C SER A 307 -23.96 -10.32 5.72
N TYR A 308 -22.94 -9.69 6.29
CA TYR A 308 -23.09 -8.31 6.77
C TYR A 308 -23.07 -7.31 5.63
N GLU A 309 -22.31 -7.62 4.57
CA GLU A 309 -22.22 -6.73 3.42
C GLU A 309 -23.55 -6.63 2.67
N GLU A 310 -24.34 -7.69 2.73
CA GLU A 310 -25.67 -7.69 2.13
C GLU A 310 -26.53 -6.57 2.69
N GLU A 311 -26.37 -6.28 3.98
CA GLU A 311 -27.10 -5.20 4.63
C GLU A 311 -26.49 -3.85 4.30
N LEU A 312 -25.16 -3.74 4.46
CA LEU A 312 -24.46 -2.49 4.24
C LEU A 312 -24.59 -1.98 2.79
N ALA A 313 -24.75 -2.91 1.86
CA ALA A 313 -24.79 -2.55 0.44
C ALA A 313 -26.04 -1.74 0.06
N LYS A 314 -27.03 -1.75 0.94
CA LYS A 314 -28.25 -0.97 0.71
C LYS A 314 -28.00 0.51 0.96
N ASP A 315 -26.93 0.81 1.68
CA ASP A 315 -26.51 2.19 1.93
C ASP A 315 -25.98 2.80 0.64
N PRO A 316 -26.57 3.92 0.20
CA PRO A 316 -26.15 4.63 -1.01
C PRO A 316 -24.67 5.05 -0.97
N ARG A 317 -24.14 5.29 0.22
CA ARG A 317 -22.74 5.66 0.37
C ARG A 317 -21.82 4.48 0.09
N ILE A 318 -22.29 3.28 0.43
CA ILE A 318 -21.54 2.07 0.15
C ILE A 318 -21.59 1.76 -1.35
N ALA A 319 -22.73 2.01 -1.97
CA ALA A 319 -22.88 1.84 -3.41
C ALA A 319 -21.90 2.75 -4.15
N ALA A 320 -21.75 3.97 -3.66
CA ALA A 320 -20.81 4.92 -4.24
C ALA A 320 -19.37 4.45 -4.04
N THR A 321 -19.07 3.91 -2.87
CA THR A 321 -17.74 3.38 -2.57
C THR A 321 -17.38 2.27 -3.54
N MET A 322 -18.32 1.35 -3.74
CA MET A 322 -18.09 0.20 -4.62
C MET A 322 -18.01 0.60 -6.09
N GLU A 323 -18.77 1.63 -6.46
CA GLU A 323 -18.72 2.14 -7.83
C GLU A 323 -17.33 2.71 -8.13
N ASN A 324 -16.79 3.46 -7.18
CA ASN A 324 -15.46 4.01 -7.32
C ASN A 324 -14.39 2.92 -7.31
N ALA A 325 -14.57 1.92 -6.45
CA ALA A 325 -13.64 0.81 -6.36
C ALA A 325 -13.58 0.02 -7.65
N GLN A 326 -14.73 -0.19 -8.27
CA GLN A 326 -14.80 -0.95 -9.51
C GLN A 326 -14.20 -0.20 -10.69
N LYS A 327 -14.05 1.11 -10.54
CA LYS A 327 -13.40 1.92 -11.56
C LYS A 327 -11.92 2.09 -11.25
N GLY A 328 -11.48 1.54 -10.13
CA GLY A 328 -10.09 1.66 -9.72
C GLY A 328 -9.25 0.41 -9.97
N GLU A 329 -8.16 0.29 -9.24
CA GLU A 329 -7.29 -0.88 -9.35
C GLU A 329 -6.95 -1.37 -7.95
N ILE A 330 -6.87 -2.69 -7.78
CA ILE A 330 -6.43 -3.24 -6.52
C ILE A 330 -4.96 -2.85 -6.28
N MET A 331 -4.63 -2.47 -5.05
CA MET A 331 -3.24 -2.17 -4.74
C MET A 331 -2.41 -3.44 -4.83
N PRO A 332 -1.25 -3.35 -5.49
CA PRO A 332 -0.30 -4.46 -5.44
C PRO A 332 0.16 -4.63 -4.01
N ASN A 333 0.52 -5.84 -3.61
CA ASN A 333 1.03 -6.05 -2.26
C ASN A 333 2.51 -6.41 -2.25
N ILE A 334 3.17 -6.27 -3.40
CA ILE A 334 4.59 -6.58 -3.53
C ILE A 334 5.43 -5.69 -2.60
N PRO A 335 6.61 -6.19 -2.18
CA PRO A 335 7.46 -5.46 -1.23
C PRO A 335 7.85 -4.07 -1.72
N GLN A 336 7.88 -3.87 -3.04
CA GLN A 336 8.30 -2.60 -3.62
C GLN A 336 7.28 -1.48 -3.45
N MET A 337 6.09 -1.82 -2.95
CA MET A 337 5.04 -0.82 -2.74
C MET A 337 5.48 0.26 -1.76
N SER A 338 6.30 -0.12 -0.79
CA SER A 338 6.83 0.84 0.17
C SER A 338 7.62 1.92 -0.56
N ALA A 339 8.58 1.50 -1.39
CA ALA A 339 9.39 2.42 -2.17
C ALA A 339 8.53 3.26 -3.11
N PHE A 340 7.56 2.61 -3.75
CA PHE A 340 6.65 3.30 -4.66
C PHE A 340 5.95 4.48 -4.00
N TRP A 341 5.34 4.22 -2.84
CA TRP A 341 4.57 5.24 -2.14
C TRP A 341 5.42 6.44 -1.70
N TYR A 342 6.60 6.16 -1.14
CA TYR A 342 7.52 7.22 -0.73
C TYR A 342 7.92 8.09 -1.91
N ALA A 343 8.18 7.45 -3.04
CA ALA A 343 8.60 8.15 -4.25
C ALA A 343 7.50 9.08 -4.78
N VAL A 344 6.29 8.55 -4.91
CA VAL A 344 5.17 9.35 -5.40
C VAL A 344 4.78 10.45 -4.40
N ARG A 345 4.86 10.15 -3.11
CA ARG A 345 4.59 11.16 -2.09
C ARG A 345 5.50 12.36 -2.28
N THR A 346 6.79 12.08 -2.49
CA THR A 346 7.78 13.13 -2.70
C THR A 346 7.51 13.90 -3.98
N ALA A 347 7.19 13.16 -5.05
CA ALA A 347 6.90 13.77 -6.34
C ALA A 347 5.72 14.75 -6.28
N VAL A 348 4.63 14.33 -5.65
CA VAL A 348 3.43 15.15 -5.54
C VAL A 348 3.69 16.40 -4.71
N ILE A 349 4.33 16.21 -3.55
CA ILE A 349 4.66 17.32 -2.67
C ILE A 349 5.59 18.34 -3.33
N ASN A 350 6.65 17.86 -3.97
CA ASN A 350 7.60 18.74 -4.66
C ASN A 350 6.99 19.50 -5.83
N ALA A 351 6.10 18.85 -6.56
CA ALA A 351 5.44 19.47 -7.71
C ALA A 351 4.39 20.49 -7.27
N ALA A 352 3.60 20.13 -6.27
CA ALA A 352 2.56 21.00 -5.76
C ALA A 352 3.13 22.27 -5.13
N SER A 353 4.30 22.14 -4.50
CA SER A 353 4.92 23.25 -3.80
C SER A 353 5.75 24.14 -4.74
N GLY A 354 5.94 23.67 -5.97
CA GLY A 354 6.72 24.41 -6.95
C GLY A 354 8.21 24.15 -6.82
N ARG A 355 8.58 23.26 -5.91
CA ARG A 355 9.98 22.91 -5.69
C ARG A 355 10.61 22.24 -6.92
N GLN A 356 9.80 21.45 -7.61
CA GLN A 356 10.22 20.83 -8.87
C GLN A 356 9.11 20.99 -9.89
N THR A 357 9.47 20.94 -11.17
CA THR A 357 8.47 20.88 -12.22
C THR A 357 7.84 19.49 -12.16
N VAL A 358 6.70 19.32 -12.82
CA VAL A 358 6.02 18.03 -12.84
C VAL A 358 6.91 16.97 -13.49
N ASP A 359 7.53 17.33 -14.61
CA ASP A 359 8.40 16.41 -15.33
C ASP A 359 9.57 15.91 -14.48
N ALA A 360 10.26 16.84 -13.83
CA ALA A 360 11.41 16.49 -13.00
C ALA A 360 10.99 15.69 -11.76
N ALA A 361 9.84 16.02 -11.20
CA ALA A 361 9.34 15.33 -10.01
C ALA A 361 8.98 13.88 -10.30
N LEU A 362 8.30 13.65 -11.42
CA LEU A 362 7.85 12.32 -11.79
C LEU A 362 8.98 11.46 -12.34
N ALA A 363 9.95 12.11 -12.99
CA ALA A 363 11.13 11.41 -13.48
C ALA A 363 11.89 10.83 -12.30
N ALA A 364 12.00 11.62 -11.24
CA ALA A 364 12.66 11.17 -10.02
C ALA A 364 11.87 10.05 -9.35
N ALA A 365 10.55 10.18 -9.35
CA ALA A 365 9.68 9.17 -8.74
C ALA A 365 9.82 7.83 -9.44
N GLN A 366 9.93 7.84 -10.76
CA GLN A 366 10.06 6.61 -11.53
C GLN A 366 11.34 5.87 -11.17
N THR A 367 12.43 6.60 -11.00
CA THR A 367 13.70 6.01 -10.61
C THR A 367 13.62 5.47 -9.18
N ASN A 368 12.98 6.24 -8.29
CA ASN A 368 12.94 5.90 -6.88
C ASN A 368 11.83 4.93 -6.47
N ALA A 369 10.92 4.64 -7.40
CA ALA A 369 9.77 3.78 -7.11
C ALA A 369 10.18 2.36 -6.74
N VAL A 370 11.39 1.98 -7.12
CA VAL A 370 11.95 0.68 -6.73
C VAL A 370 13.26 0.88 -5.98
N ASP A 371 13.36 0.26 -4.81
CA ASP A 371 14.53 0.40 -3.95
C ASP A 371 15.80 -0.20 -4.58
N MET A 372 16.94 0.27 -4.12
CA MET A 372 18.23 -0.14 -4.67
C MET A 372 18.48 -1.64 -4.51
N GLU A 373 18.13 -2.19 -3.35
CA GLU A 373 18.30 -3.61 -3.09
C GLU A 373 17.55 -4.47 -4.11
N SER A 374 16.32 -4.06 -4.44
CA SER A 374 15.52 -4.76 -5.42
C SER A 374 16.18 -4.71 -6.80
N LYS A 375 16.68 -3.53 -7.18
CA LYS A 375 17.36 -3.38 -8.46
C LYS A 375 18.67 -4.17 -8.52
N TYR A 376 19.41 -4.17 -7.41
CA TYR A 376 20.65 -4.93 -7.33
C TYR A 376 20.38 -6.42 -7.42
N LYS A 377 19.28 -6.86 -6.80
CA LYS A 377 18.88 -8.25 -6.87
C LYS A 377 18.57 -8.64 -8.32
N GLU A 378 17.97 -7.71 -9.05
CA GLU A 378 17.68 -7.92 -10.46
C GLU A 378 18.97 -8.08 -11.26
N ILE A 379 19.98 -7.27 -10.94
CA ILE A 379 21.27 -7.38 -11.59
C ILE A 379 21.89 -8.75 -11.33
N LEU A 380 21.95 -9.12 -10.07
CA LEU A 380 22.54 -10.38 -9.65
C LEU A 380 21.83 -11.57 -10.31
N LEU A 381 20.51 -11.54 -10.27
CA LEU A 381 19.70 -12.67 -10.72
C LEU A 381 19.49 -12.71 -12.24
N LEU A 382 18.98 -11.61 -12.79
CA LEU A 382 18.60 -11.58 -14.21
C LEU A 382 19.80 -11.41 -15.14
N THR A 383 20.74 -10.56 -14.75
CA THR A 383 21.91 -10.29 -15.58
C THR A 383 23.04 -11.28 -15.27
N GLY A 384 23.10 -11.75 -14.03
CA GLY A 384 24.15 -12.67 -13.62
C GLY A 384 23.78 -14.13 -13.74
N LEU A 385 23.04 -14.63 -12.77
CA LEU A 385 22.77 -16.06 -12.66
C LEU A 385 21.95 -16.65 -13.80
N ASP A 386 21.03 -15.87 -14.36
CA ASP A 386 20.19 -16.35 -15.46
C ASP A 386 20.97 -16.48 -16.77
N ASN A 387 22.19 -15.96 -16.78
CA ASN A 387 23.05 -16.04 -17.96
C ASN A 387 24.03 -17.21 -17.92
N ILE A 388 23.94 -18.05 -16.89
CA ILE A 388 24.82 -19.20 -16.79
C ILE A 388 24.05 -20.51 -16.71
N THR A 389 24.67 -21.59 -17.16
CA THR A 389 24.04 -22.92 -17.15
C THR A 389 23.97 -23.46 -15.73
N ASP A 390 23.25 -24.57 -15.56
CA ASP A 390 23.12 -25.21 -14.26
C ASP A 390 24.44 -25.74 -13.73
N GLU A 391 25.27 -26.27 -14.61
CA GLU A 391 26.59 -26.75 -14.23
C GLU A 391 27.49 -25.59 -13.81
N GLU A 392 27.40 -24.48 -14.55
CA GLU A 392 28.15 -23.27 -14.20
C GLU A 392 27.68 -22.72 -12.85
N LEU A 393 26.39 -22.89 -12.56
CA LEU A 393 25.85 -22.50 -11.26
C LEU A 393 26.46 -23.31 -10.14
N ASP A 394 26.73 -24.59 -10.41
CA ASP A 394 27.39 -25.46 -9.44
C ASP A 394 28.80 -24.97 -9.13
N ARG A 395 29.51 -24.54 -10.16
N ARG A 395 29.50 -24.53 -10.17
CA ARG A 395 30.84 -23.98 -9.99
CA ARG A 395 30.85 -23.98 -10.01
C ARG A 395 30.77 -22.67 -9.20
C ARG A 395 30.79 -22.67 -9.23
N PHE A 396 29.68 -21.95 -9.40
CA PHE A 396 29.47 -20.68 -8.70
C PHE A 396 29.25 -20.93 -7.21
N LYS A 397 28.35 -21.87 -6.91
CA LYS A 397 28.01 -22.21 -5.53
C LYS A 397 29.23 -22.68 -4.74
N PHE A 398 30.18 -23.28 -5.43
CA PHE A 398 31.43 -23.74 -4.83
C PHE A 398 32.12 -22.60 -4.08
N PHE A 399 32.07 -21.41 -4.65
CA PHE A 399 32.72 -20.24 -4.06
C PHE A 399 31.89 -19.58 -2.98
N LEU A 400 30.74 -20.17 -2.66
CA LEU A 400 29.86 -19.65 -1.61
C LEU A 400 29.98 -20.45 -0.32
N SER A 401 31.03 -21.25 -0.22
CA SER A 401 31.21 -22.13 0.94
C SER A 401 31.67 -21.39 2.19
N ASP A 402 32.35 -20.26 2.03
CA ASP A 402 32.73 -19.42 3.16
C ASP A 402 31.49 -18.95 3.89
N GLU A 403 30.60 -18.29 3.15
CA GLU A 403 29.33 -17.84 3.69
C GLU A 403 28.46 -19.05 4.00
N PHE A 404 28.86 -19.82 5.02
CA PHE A 404 28.22 -21.10 5.31
C PHE A 404 26.73 -20.92 5.61
N ASN A 405 25.92 -21.68 4.87
CA ASN A 405 24.48 -21.55 4.90
C ASN A 405 23.84 -22.92 4.77
N ILE A 406 24.31 -23.85 5.60
CA ILE A 406 23.99 -25.27 5.44
C ILE A 406 24.29 -25.68 4.00
N ALA A 407 25.47 -25.31 3.53
CA ALA A 407 25.88 -25.53 2.15
C ALA A 407 26.08 -27.02 1.84
N THR A 408 25.99 -27.84 2.87
CA THR A 408 26.10 -29.29 2.72
C THR A 408 25.04 -29.82 1.76
N GLY A 409 23.82 -29.31 1.89
CA GLY A 409 22.72 -29.78 1.06
C GLY A 409 21.77 -28.68 0.61
N LYS A 410 21.59 -27.66 1.45
CA LYS A 410 20.67 -26.57 1.16
C LYS A 410 21.13 -25.73 -0.03
N LEU A 411 22.39 -25.31 0.00
CA LEU A 411 22.95 -24.50 -1.07
C LEU A 411 23.00 -25.28 -2.38
N HIS A 412 23.20 -26.58 -2.28
CA HIS A 412 23.26 -27.44 -3.47
C HIS A 412 21.88 -27.61 -4.09
N THR A 413 20.84 -27.41 -3.29
CA THR A 413 19.46 -27.57 -3.74
C THR A 413 18.92 -26.24 -4.28
N ALA A 414 19.45 -25.14 -3.76
CA ALA A 414 18.96 -23.81 -4.08
C ALA A 414 18.94 -23.49 -5.57
N ASN A 415 17.86 -22.89 -6.03
CA ASN A 415 17.80 -22.37 -7.40
C ASN A 415 18.43 -20.98 -7.46
N ARG A 416 18.29 -20.32 -8.60
CA ARG A 416 18.95 -19.03 -8.80
C ARG A 416 18.42 -17.91 -7.90
N ILE A 417 17.10 -17.80 -7.82
N ILE A 417 17.10 -17.79 -7.79
CA ILE A 417 16.45 -16.82 -6.95
CA ILE A 417 16.54 -16.75 -6.94
C ILE A 417 16.90 -17.01 -5.50
C ILE A 417 16.84 -16.99 -5.46
N GLN A 418 16.94 -18.26 -5.07
CA GLN A 418 17.32 -18.60 -3.71
C GLN A 418 18.78 -18.26 -3.42
N VAL A 419 19.66 -18.50 -4.40
CA VAL A 419 21.07 -18.15 -4.26
C VAL A 419 21.24 -16.65 -4.11
N ALA A 420 20.55 -15.89 -4.96
CA ALA A 420 20.61 -14.42 -4.92
C ALA A 420 20.10 -13.91 -3.58
N THR A 421 18.99 -14.46 -3.12
CA THR A 421 18.39 -14.07 -1.85
C THR A 421 19.34 -14.33 -0.69
N LEU A 422 20.01 -15.48 -0.71
CA LEU A 422 20.93 -15.86 0.36
C LEU A 422 22.17 -14.96 0.43
N MET A 423 22.69 -14.57 -0.73
CA MET A 423 23.85 -13.70 -0.77
C MET A 423 23.52 -12.30 -0.24
N ILE A 424 22.36 -11.79 -0.61
CA ILE A 424 21.91 -10.47 -0.20
C ILE A 424 21.57 -10.46 1.29
N GLN A 425 20.90 -11.52 1.74
CA GLN A 425 20.57 -11.68 3.16
C GLN A 425 21.85 -11.73 3.99
N ASN A 426 22.88 -12.37 3.45
CA ASN A 426 24.13 -12.56 4.19
C ASN A 426 25.01 -11.31 4.26
N ALA A 427 25.13 -10.58 3.16
CA ALA A 427 26.14 -9.53 3.07
C ALA A 427 25.60 -8.15 2.70
N GLY A 428 24.30 -8.08 2.38
CA GLY A 428 23.74 -6.84 1.86
C GLY A 428 23.87 -6.81 0.36
N ALA A 429 23.09 -5.96 -0.29
CA ALA A 429 22.98 -5.96 -1.75
C ALA A 429 24.27 -5.59 -2.48
N VAL A 430 24.93 -4.52 -2.03
CA VAL A 430 26.17 -4.07 -2.67
C VAL A 430 27.25 -5.15 -2.63
N SER A 431 27.45 -5.72 -1.44
CA SER A 431 28.46 -6.76 -1.27
C SER A 431 28.12 -8.02 -2.06
N ALA A 432 26.84 -8.34 -2.13
CA ALA A 432 26.37 -9.52 -2.87
C ALA A 432 26.66 -9.42 -4.36
N VAL A 433 26.40 -8.24 -4.93
CA VAL A 433 26.68 -8.01 -6.35
C VAL A 433 28.18 -7.99 -6.63
N MET A 434 28.94 -7.34 -5.76
CA MET A 434 30.39 -7.29 -5.93
C MET A 434 31.02 -8.69 -5.83
N LYS A 435 30.51 -9.50 -4.90
CA LYS A 435 31.00 -10.86 -4.75
C LYS A 435 30.66 -11.71 -5.97
N THR A 436 29.46 -11.53 -6.51
CA THR A 436 29.04 -12.23 -7.72
C THR A 436 29.98 -11.90 -8.87
N ILE A 437 30.34 -10.64 -8.98
CA ILE A 437 31.29 -10.19 -9.99
C ILE A 437 32.66 -10.85 -9.79
N ARG A 438 33.11 -10.94 -8.55
N ARG A 438 33.11 -10.91 -8.54
CA ARG A 438 34.41 -11.54 -8.27
CA ARG A 438 34.37 -11.54 -8.18
C ARG A 438 34.44 -13.04 -8.55
C ARG A 438 34.40 -13.01 -8.60
N ILE A 439 33.33 -13.72 -8.28
CA ILE A 439 33.24 -15.15 -8.56
C ILE A 439 33.24 -15.40 -10.06
N PHE A 440 32.51 -14.58 -10.81
CA PHE A 440 32.50 -14.69 -12.26
C PHE A 440 33.89 -14.47 -12.84
N GLN A 441 34.63 -13.52 -12.28
CA GLN A 441 35.98 -13.26 -12.73
C GLN A 441 36.92 -14.41 -12.37
N LYS A 442 36.63 -15.08 -11.25
CA LYS A 442 37.41 -16.23 -10.84
C LYS A 442 37.14 -17.43 -11.75
N LEU A 443 35.91 -17.54 -12.22
CA LEU A 443 35.52 -18.59 -13.17
C LEU A 443 35.87 -18.19 -14.59
N ASN A 444 36.57 -17.06 -14.73
CA ASN A 444 36.97 -16.51 -16.04
C ASN A 444 35.81 -16.07 -16.93
N TYR A 445 34.67 -15.76 -16.32
CA TYR A 445 33.54 -15.19 -17.08
C TYR A 445 33.72 -13.68 -17.13
N MET A 446 34.81 -13.24 -17.72
CA MET A 446 35.18 -11.83 -17.72
C MET A 446 34.16 -10.97 -18.44
N LEU A 447 33.60 -11.49 -19.53
CA LEU A 447 32.59 -10.76 -20.30
C LEU A 447 31.34 -10.54 -19.45
N LEU A 448 30.84 -11.61 -18.84
CA LEU A 448 29.65 -11.53 -18.00
C LEU A 448 29.87 -10.63 -16.78
N ALA A 449 31.06 -10.71 -16.20
CA ALA A 449 31.40 -9.88 -15.05
C ALA A 449 31.37 -8.39 -15.41
N LYS A 450 31.82 -8.07 -16.62
CA LYS A 450 31.81 -6.69 -17.09
C LYS A 450 30.39 -6.18 -17.28
N ARG A 451 29.52 -7.03 -17.82
N ARG A 451 29.53 -7.03 -17.82
CA ARG A 451 28.12 -6.69 -18.04
CA ARG A 451 28.13 -6.70 -18.03
C ARG A 451 27.41 -6.37 -16.72
C ARG A 451 27.49 -6.31 -16.70
N LEU A 452 27.78 -7.09 -15.67
CA LEU A 452 27.26 -6.83 -14.33
C LEU A 452 27.73 -5.48 -13.81
N GLN A 453 29.02 -5.21 -14.00
CA GLN A 453 29.61 -3.93 -13.59
C GLN A 453 28.94 -2.77 -14.30
N GLU A 454 28.70 -2.95 -15.59
CA GLU A 454 28.07 -1.92 -16.40
C GLU A 454 26.61 -1.68 -15.97
N GLU A 455 25.90 -2.76 -15.65
CA GLU A 455 24.52 -2.64 -15.20
C GLU A 455 24.46 -1.94 -13.84
N LYS A 456 25.38 -2.31 -12.95
CA LYS A 456 25.47 -1.67 -11.64
C LYS A 456 25.73 -0.18 -11.78
N GLU A 457 26.65 0.17 -12.69
CA GLU A 457 27.00 1.56 -12.94
C GLU A 457 25.78 2.34 -13.45
N LYS A 458 25.00 1.70 -14.31
CA LYS A 458 23.79 2.29 -14.84
C LYS A 458 22.80 2.62 -13.73
N VAL A 459 22.54 1.64 -12.87
CA VAL A 459 21.63 1.82 -11.74
C VAL A 459 22.10 2.93 -10.80
N ASP A 460 23.39 2.92 -10.47
CA ASP A 460 23.96 3.94 -9.58
C ASP A 460 23.85 5.34 -10.18
N LYS A 461 24.12 5.45 -11.47
CA LYS A 461 24.05 6.75 -12.15
C LYS A 461 22.62 7.31 -12.16
N GLN A 462 21.65 6.43 -12.34
CA GLN A 462 20.24 6.84 -12.34
C GLN A 462 19.87 7.45 -10.99
N TYR A 463 20.20 6.74 -9.91
CA TYR A 463 19.92 7.24 -8.56
C TYR A 463 20.63 8.56 -8.30
N LYS A 464 21.87 8.65 -8.79
CA LYS A 464 22.70 9.84 -8.57
C LYS A 464 22.12 11.07 -9.26
N SER A 465 21.51 10.87 -10.42
CA SER A 465 21.00 11.97 -11.21
C SER A 465 19.67 12.54 -10.68
N VAL A 466 19.16 11.97 -9.60
CA VAL A 466 17.93 12.48 -8.99
C VAL A 466 18.10 12.78 -7.50
N THR A 467 19.35 12.94 -7.09
CA THR A 467 19.67 13.36 -5.72
C THR A 467 20.58 14.57 -5.75
N LYS A 468 20.46 15.42 -4.72
CA LYS A 468 21.28 16.63 -4.65
C LYS A 468 21.47 17.09 -3.21
#